data_6T95
#
_entry.id   6T95
#
_cell.length_a   103.500
_cell.length_b   103.500
_cell.length_c   192.220
_cell.angle_alpha   90.000
_cell.angle_beta   90.000
_cell.angle_gamma   90.000
#
_symmetry.space_group_name_H-M   'P 41 21 2'
#
loop_
_entity.id
_entity.type
_entity.pdbx_description
1 polymer 'Trypanothione reductase'
2 non-polymer 'FLAVIN-ADENINE DINUCLEOTIDE'
3 non-polymer 'DIMETHYL SULFOXIDE'
4 non-polymer GLYCEROL
5 non-polymer 'SULFATE ION'
6 non-polymer 1-[2-[5-[4-(4-azanylbutyl)-3-methyl-1,2,3-triazol-3-ium-1-yl]-2-[4-(2-phenylethyl)-1,3-thiazol-2-yl]phenoxy]ethyl]imidazolidin-2-one
7 water water
#
_entity_poly.entity_id   1
_entity_poly.type   'polypeptide(L)'
_entity_poly.pdbx_seq_one_letter_code
;PMSRAYDLVVLGAGSGGLEAGWNAAVTHKKKVAVVDVQATHGPPLFAALGGTCVNVGCVPKKLMVTGAQYMDLIRESGGF
GWEMDRESLCPNWKTLIAAKNKVVNSINESYKSMFADTEGLSFHMGFGALQDAHTVVVRKSEDPHSDVLETLDTEYILIA
TGSWPTRLGVPGDEFCITSNEAFYLEDAPKRMLCVGGGYIAVEFAGIFNGYKPCGGYVDLCYRGDLILRGFDTEVRKSLT
KQLGANGIRVRTNLNPTKITKNEDGSNHVHFNDGTEEDYDQVMLAIGRVPRSQALQLDKAGVRTGKNGAVQVDAYSKTSV
DNIYAIGDVTNRVMLTPVAINEGAAFVETVFGGKPRATDHTKVACAVFSIPPIGTCGMTEEEAAKNYETVAVYASSFTPL
MHNISGSKHKEFMIRIITNESNGEVLGVHMLGDSAPEIIQSVGICMKMGAKISDFHSTIGVHPTSAEELCSMRTPAYFYE
SGKRVEKLS
;
_entity_poly.pdbx_strand_id   A
#
loop_
_chem_comp.id
_chem_comp.type
_chem_comp.name
_chem_comp.formula
DMS non-polymer 'DIMETHYL SULFOXIDE' 'C2 H6 O S'
FAD non-polymer 'FLAVIN-ADENINE DINUCLEOTIDE' 'C27 H33 N9 O15 P2'
GOL non-polymer GLYCEROL 'C3 H8 O3'
MWT non-polymer 1-[2-[5-[4-(4-azanylbutyl)-3-methyl-1,2,3-triazol-3-ium-1-yl]-2-[4-(2-phenylethyl)-1,3-thiazol-2-yl]phenoxy]ethyl]imidazolidin-2-one 'C29 H36 N7 O2 S 1'
SO4 non-polymer 'SULFATE ION' 'O4 S -2'
#
# COMPACT_ATOMS: atom_id res chain seq x y z
N PRO A 1 -17.74 35.43 -11.89
CA PRO A 1 -16.81 36.23 -12.73
C PRO A 1 -15.54 35.47 -13.12
N MET A 2 -14.95 35.80 -14.28
CA MET A 2 -13.65 35.22 -14.74
C MET A 2 -12.50 36.18 -14.38
N SER A 3 -11.65 35.76 -13.43
CA SER A 3 -10.36 36.40 -13.06
C SER A 3 -9.21 35.64 -13.73
N ARG A 4 -9.27 34.31 -13.70
CA ARG A 4 -8.12 33.40 -13.98
C ARG A 4 -8.49 32.34 -15.02
N ALA A 5 -7.47 31.71 -15.61
CA ALA A 5 -7.59 30.61 -16.59
C ALA A 5 -8.30 29.40 -15.95
N TYR A 6 -7.95 29.04 -14.72
CA TYR A 6 -8.51 27.85 -14.00
C TYR A 6 -9.00 28.24 -12.62
N ASP A 7 -10.05 27.54 -12.16
CA ASP A 7 -10.51 27.52 -10.75
C ASP A 7 -9.53 26.68 -9.93
N LEU A 8 -9.11 25.53 -10.50
CA LEU A 8 -8.29 24.52 -9.78
C LEU A 8 -7.17 24.02 -10.69
N VAL A 9 -5.94 24.04 -10.17
CA VAL A 9 -4.79 23.30 -10.76
C VAL A 9 -4.40 22.18 -9.79
N VAL A 10 -4.38 20.95 -10.28
CA VAL A 10 -4.02 19.72 -9.51
C VAL A 10 -2.62 19.28 -9.96
N LEU A 11 -1.65 19.28 -9.05
CA LEU A 11 -0.32 18.66 -9.29
C LEU A 11 -0.41 17.19 -8.92
N GLY A 12 -0.33 16.31 -9.92
CA GLY A 12 -0.40 14.85 -9.73
C GLY A 12 -1.77 14.32 -10.09
N ALA A 13 -1.83 13.54 -11.18
CA ALA A 13 -3.03 12.86 -11.69
C ALA A 13 -3.12 11.45 -11.11
N GLY A 14 -3.07 11.36 -9.77
CA GLY A 14 -3.11 10.08 -9.04
C GLY A 14 -4.47 9.83 -8.39
N SER A 15 -4.49 8.95 -7.39
CA SER A 15 -5.72 8.49 -6.69
C SER A 15 -6.50 9.71 -6.18
N GLY A 16 -5.82 10.58 -5.43
CA GLY A 16 -6.36 11.84 -4.90
C GLY A 16 -6.69 12.84 -5.99
N GLY A 17 -5.71 13.16 -6.85
CA GLY A 17 -5.79 14.25 -7.85
C GLY A 17 -6.96 14.09 -8.80
N LEU A 18 -7.10 12.90 -9.39
CA LEU A 18 -8.17 12.61 -10.41
C LEU A 18 -9.54 12.64 -9.74
N GLU A 19 -9.67 12.12 -8.51
CA GLU A 19 -10.95 12.21 -7.77
C GLU A 19 -11.34 13.68 -7.65
N ALA A 20 -10.43 14.50 -7.16
CA ALA A 20 -10.63 15.96 -6.97
C ALA A 20 -10.95 16.61 -8.32
N GLY A 21 -10.08 16.41 -9.32
CA GLY A 21 -10.21 17.06 -10.64
C GLY A 21 -11.54 16.73 -11.27
N TRP A 22 -11.90 15.45 -11.28
CA TRP A 22 -13.15 14.93 -11.90
C TRP A 22 -14.36 15.50 -11.17
N ASN A 23 -14.40 15.42 -9.84
CA ASN A 23 -15.56 15.88 -9.02
C ASN A 23 -15.77 17.38 -9.24
N ALA A 24 -14.68 18.16 -9.20
CA ALA A 24 -14.69 19.64 -9.34
C ALA A 24 -15.22 20.01 -10.73
N ALA A 25 -14.84 19.27 -11.76
CA ALA A 25 -15.15 19.57 -13.18
C ALA A 25 -16.59 19.18 -13.52
N VAL A 26 -17.06 17.97 -13.15
CA VAL A 26 -18.37 17.49 -13.67
C VAL A 26 -19.51 17.89 -12.72
N THR A 27 -19.39 17.70 -11.40
CA THR A 27 -20.53 17.95 -10.47
C THR A 27 -20.59 19.43 -10.09
N HIS A 28 -19.51 20.21 -10.27
CA HIS A 28 -19.47 21.66 -9.92
C HIS A 28 -19.11 22.54 -11.13
N LYS A 29 -18.97 21.96 -12.33
CA LYS A 29 -18.74 22.68 -13.61
C LYS A 29 -17.59 23.69 -13.45
N LYS A 30 -16.52 23.33 -12.75
CA LYS A 30 -15.33 24.21 -12.57
C LYS A 30 -14.33 23.93 -13.68
N LYS A 31 -13.37 24.84 -13.89
CA LYS A 31 -12.32 24.68 -14.92
C LYS A 31 -11.04 24.19 -14.23
N VAL A 32 -10.63 22.97 -14.56
CA VAL A 32 -9.64 22.17 -13.78
C VAL A 32 -8.51 21.76 -14.72
N ALA A 33 -7.28 22.11 -14.36
CA ALA A 33 -6.05 21.61 -15.01
C ALA A 33 -5.42 20.54 -14.11
N VAL A 34 -5.04 19.41 -14.71
CA VAL A 34 -4.39 18.29 -13.96
C VAL A 34 -3.03 18.02 -14.60
N VAL A 35 -1.98 18.15 -13.80
CA VAL A 35 -0.56 18.03 -14.25
C VAL A 35 -0.05 16.65 -13.84
N ASP A 36 0.59 15.92 -14.77
CA ASP A 36 1.38 14.71 -14.47
C ASP A 36 2.50 14.60 -15.50
N VAL A 37 3.49 13.76 -15.24
CA VAL A 37 4.84 13.83 -15.89
C VAL A 37 4.86 12.97 -17.16
N GLN A 38 3.90 12.05 -17.29
CA GLN A 38 3.69 11.22 -18.50
C GLN A 38 2.28 10.64 -18.48
N ALA A 39 1.81 10.15 -19.62
CA ALA A 39 0.40 9.70 -19.82
C ALA A 39 0.31 8.17 -19.72
N THR A 40 1.42 7.47 -19.99
CA THR A 40 1.48 5.99 -19.97
C THR A 40 2.55 5.55 -18.95
N HIS A 41 2.31 4.42 -18.29
CA HIS A 41 3.20 3.84 -17.26
C HIS A 41 4.53 3.45 -17.90
N GLY A 42 5.62 3.43 -17.11
CA GLY A 42 6.93 2.97 -17.60
C GLY A 42 8.09 3.82 -17.09
N PRO A 43 9.30 3.22 -16.93
CA PRO A 43 10.48 3.96 -16.48
C PRO A 43 10.99 4.91 -17.57
N PRO A 44 11.76 5.96 -17.22
CA PRO A 44 12.31 6.14 -15.88
C PRO A 44 11.37 6.86 -14.91
N LEU A 45 10.28 7.44 -15.42
CA LEU A 45 9.31 8.22 -14.59
C LEU A 45 8.46 7.29 -13.73
N PHE A 46 8.11 6.10 -14.25
CA PHE A 46 7.35 5.00 -13.59
C PHE A 46 5.88 5.39 -13.38
N ALA A 47 5.60 6.37 -12.52
CA ALA A 47 4.22 6.83 -12.26
C ALA A 47 3.74 7.65 -13.46
N ALA A 48 2.44 7.63 -13.72
CA ALA A 48 1.82 8.33 -14.87
C ALA A 48 0.36 8.63 -14.56
N LEU A 49 -0.38 9.08 -15.57
CA LEU A 49 -1.84 9.30 -15.49
C LEU A 49 -2.50 8.12 -14.78
N GLY A 50 -3.16 8.38 -13.65
CA GLY A 50 -3.77 7.32 -12.81
C GLY A 50 -3.03 7.18 -11.49
N GLY A 51 -1.75 7.56 -11.46
CA GLY A 51 -0.96 7.68 -10.21
C GLY A 51 -0.18 6.43 -9.90
N THR A 52 0.25 6.29 -8.65
CA THR A 52 1.10 5.17 -8.20
C THR A 52 0.28 3.87 -8.19
N CYS A 53 -0.91 3.82 -7.59
CA CYS A 53 -1.63 2.53 -7.45
C CYS A 53 -1.97 1.94 -8.83
N VAL A 54 -2.37 2.76 -9.80
CA VAL A 54 -2.73 2.28 -11.16
C VAL A 54 -1.47 1.79 -11.88
N ASN A 55 -0.35 2.53 -11.83
CA ASN A 55 0.81 2.28 -12.73
C ASN A 55 1.87 1.39 -12.06
N VAL A 56 2.30 1.71 -10.83
CA VAL A 56 3.40 0.97 -10.15
C VAL A 56 3.03 0.74 -8.68
N GLY A 57 1.76 0.47 -8.41
CA GLY A 57 1.26 0.25 -7.04
C GLY A 57 0.33 -0.94 -6.97
N CYS A 58 -0.83 -0.77 -6.34
CA CYS A 58 -1.73 -1.89 -5.93
C CYS A 58 -2.36 -2.61 -7.12
N VAL A 59 -2.66 -1.96 -8.26
CA VAL A 59 -3.25 -2.69 -9.42
C VAL A 59 -2.24 -3.72 -9.93
N PRO A 60 -1.04 -3.30 -10.43
CA PRO A 60 -0.07 -4.24 -10.96
C PRO A 60 0.46 -5.21 -9.89
N LYS A 61 0.57 -4.76 -8.64
CA LYS A 61 1.03 -5.60 -7.50
C LYS A 61 0.04 -6.74 -7.26
N LYS A 62 -1.26 -6.45 -7.31
CA LYS A 62 -2.36 -7.43 -7.05
C LYS A 62 -2.38 -8.47 -8.17
N LEU A 63 -2.22 -8.04 -9.42
CA LEU A 63 -2.19 -8.94 -10.61
C LEU A 63 -1.05 -9.94 -10.43
N MET A 64 0.12 -9.45 -10.01
CA MET A 64 1.34 -10.30 -9.86
C MET A 64 1.20 -11.24 -8.66
N VAL A 65 0.57 -10.78 -7.56
CA VAL A 65 0.31 -11.64 -6.37
C VAL A 65 -0.64 -12.76 -6.76
N THR A 66 -1.72 -12.44 -7.50
CA THR A 66 -2.67 -13.42 -8.06
C THR A 66 -1.90 -14.46 -8.87
N GLY A 67 -0.96 -13.99 -9.69
CA GLY A 67 -0.10 -14.83 -10.54
C GLY A 67 0.70 -15.80 -9.70
N ALA A 68 1.37 -15.27 -8.67
CA ALA A 68 2.23 -16.04 -7.74
C ALA A 68 1.42 -17.10 -6.99
N GLN A 69 0.15 -16.82 -6.67
CA GLN A 69 -0.73 -17.71 -5.86
C GLN A 69 -0.94 -19.06 -6.57
N TYR A 70 -0.84 -19.09 -7.90
CA TYR A 70 -1.13 -20.32 -8.70
C TYR A 70 -0.10 -21.40 -8.35
N MET A 71 1.10 -21.02 -7.92
CA MET A 71 2.13 -21.98 -7.43
C MET A 71 1.54 -22.83 -6.31
N ASP A 72 0.90 -22.18 -5.32
CA ASP A 72 0.26 -22.85 -4.15
C ASP A 72 -0.96 -23.65 -4.63
N LEU A 73 -1.82 -23.03 -5.44
CA LEU A 73 -3.11 -23.61 -5.90
C LEU A 73 -2.86 -24.85 -6.76
N ILE A 74 -1.82 -24.82 -7.60
CA ILE A 74 -1.44 -25.97 -8.48
C ILE A 74 -0.93 -27.12 -7.61
N ARG A 75 -0.08 -26.83 -6.62
CA ARG A 75 0.42 -27.84 -5.64
C ARG A 75 -0.78 -28.46 -4.91
N GLU A 76 -1.72 -27.64 -4.47
CA GLU A 76 -2.86 -28.05 -3.60
C GLU A 76 -3.88 -28.89 -4.38
N SER A 77 -3.98 -28.73 -5.70
CA SER A 77 -4.98 -29.43 -6.54
C SER A 77 -4.72 -30.94 -6.55
N GLY A 78 -3.49 -31.39 -6.29
CA GLY A 78 -3.08 -32.80 -6.25
C GLY A 78 -3.92 -33.62 -5.30
N GLY A 79 -4.13 -33.14 -4.07
CA GLY A 79 -4.92 -33.82 -3.02
C GLY A 79 -6.34 -34.12 -3.49
N PHE A 80 -6.90 -33.24 -4.31
CA PHE A 80 -8.30 -33.28 -4.79
C PHE A 80 -8.42 -34.10 -6.08
N GLY A 81 -7.30 -34.62 -6.58
CA GLY A 81 -7.29 -35.60 -7.69
C GLY A 81 -6.75 -35.01 -8.98
N TRP A 82 -6.20 -33.80 -8.95
CA TRP A 82 -5.68 -33.16 -10.19
C TRP A 82 -4.24 -33.60 -10.42
N GLU A 83 -4.05 -34.51 -11.37
CA GLU A 83 -2.71 -35.09 -11.69
C GLU A 83 -2.16 -34.38 -12.92
N MET A 84 -1.01 -33.73 -12.76
CA MET A 84 -0.25 -33.08 -13.86
C MET A 84 1.24 -33.21 -13.53
N ASP A 85 2.09 -33.03 -14.53
CA ASP A 85 3.56 -33.11 -14.33
C ASP A 85 4.02 -31.87 -13.56
N ARG A 86 4.17 -31.99 -12.24
CA ARG A 86 4.65 -30.89 -11.36
C ARG A 86 6.19 -30.93 -11.29
N GLU A 87 6.83 -31.87 -12.00
CA GLU A 87 8.31 -31.95 -12.10
C GLU A 87 8.82 -30.66 -12.73
N SER A 88 9.58 -29.86 -11.96
CA SER A 88 10.26 -28.62 -12.42
C SER A 88 9.27 -27.69 -13.12
N LEU A 89 8.06 -27.54 -12.59
CA LEU A 89 7.06 -26.60 -13.17
C LEU A 89 7.26 -25.22 -12.53
N CYS A 90 7.73 -24.25 -13.32
CA CYS A 90 7.90 -22.85 -12.91
C CYS A 90 7.33 -21.95 -14.00
N PRO A 91 6.80 -20.76 -13.65
CA PRO A 91 6.03 -19.94 -14.58
C PRO A 91 6.88 -19.06 -15.51
N ASN A 92 6.25 -18.58 -16.58
CA ASN A 92 6.85 -17.62 -17.56
C ASN A 92 6.57 -16.19 -17.07
N TRP A 93 7.61 -15.51 -16.61
CA TRP A 93 7.55 -14.14 -16.02
C TRP A 93 7.27 -13.12 -17.11
N LYS A 94 7.82 -13.34 -18.31
CA LYS A 94 7.64 -12.43 -19.47
C LYS A 94 6.15 -12.37 -19.83
N THR A 95 5.47 -13.53 -19.79
CA THR A 95 4.01 -13.64 -20.04
C THR A 95 3.27 -12.75 -19.03
N LEU A 96 3.64 -12.83 -17.76
CA LEU A 96 2.97 -12.10 -16.65
C LEU A 96 3.09 -10.60 -16.87
N ILE A 97 4.32 -10.14 -17.15
CA ILE A 97 4.68 -8.70 -17.29
C ILE A 97 4.00 -8.15 -18.54
N ALA A 98 3.96 -8.93 -19.63
CA ALA A 98 3.25 -8.56 -20.88
C ALA A 98 1.78 -8.33 -20.56
N ALA A 99 1.15 -9.30 -19.87
CA ALA A 99 -0.28 -9.27 -19.50
C ALA A 99 -0.53 -8.06 -18.59
N LYS A 100 0.34 -7.84 -17.61
CA LYS A 100 0.18 -6.73 -16.64
C LYS A 100 0.32 -5.39 -17.36
N ASN A 101 1.36 -5.23 -18.18
CA ASN A 101 1.57 -4.03 -19.05
C ASN A 101 0.31 -3.77 -19.88
N LYS A 102 -0.28 -4.80 -20.49
CA LYS A 102 -1.49 -4.65 -21.36
C LYS A 102 -2.62 -4.04 -20.53
N VAL A 103 -2.79 -4.50 -19.28
CA VAL A 103 -3.92 -4.10 -18.39
C VAL A 103 -3.72 -2.64 -17.95
N VAL A 104 -2.54 -2.30 -17.45
CA VAL A 104 -2.21 -0.93 -16.93
C VAL A 104 -2.36 0.06 -18.08
N ASN A 105 -1.85 -0.31 -19.25
CA ASN A 105 -1.90 0.50 -20.48
C ASN A 105 -3.35 0.85 -20.81
N SER A 106 -4.25 -0.13 -20.73
CA SER A 106 -5.67 0.05 -21.08
C SER A 106 -6.33 1.00 -20.08
N ILE A 107 -5.84 1.07 -18.83
CA ILE A 107 -6.31 2.03 -17.79
C ILE A 107 -5.80 3.44 -18.13
N ASN A 108 -4.53 3.55 -18.52
CA ASN A 108 -3.91 4.83 -18.97
C ASN A 108 -4.74 5.39 -20.13
N GLU A 109 -5.05 4.53 -21.12
CA GLU A 109 -5.87 4.87 -22.32
C GLU A 109 -7.25 5.34 -21.88
N SER A 110 -7.84 4.67 -20.89
CA SER A 110 -9.21 4.96 -20.41
C SER A 110 -9.23 6.37 -19.81
N TYR A 111 -8.16 6.76 -19.09
CA TYR A 111 -8.01 8.11 -18.48
C TYR A 111 -7.78 9.21 -19.53
N LYS A 112 -7.12 8.90 -20.65
CA LYS A 112 -6.98 9.85 -21.77
C LYS A 112 -8.35 10.14 -22.39
N SER A 113 -9.18 9.12 -22.58
CA SER A 113 -10.58 9.24 -23.09
C SER A 113 -11.40 10.12 -22.15
N MET A 114 -11.17 9.99 -20.85
CA MET A 114 -11.85 10.81 -19.81
C MET A 114 -11.56 12.29 -20.08
N PHE A 115 -10.29 12.64 -20.25
CA PHE A 115 -9.81 14.04 -20.40
C PHE A 115 -10.35 14.64 -21.70
N ALA A 116 -10.10 13.96 -22.82
CA ALA A 116 -10.55 14.37 -24.18
C ALA A 116 -12.07 14.61 -24.17
N ASP A 117 -12.83 13.80 -23.43
CA ASP A 117 -14.32 13.75 -23.52
C ASP A 117 -14.99 14.52 -22.37
N THR A 118 -14.26 15.12 -21.43
CA THR A 118 -14.83 15.80 -20.23
C THR A 118 -14.62 17.31 -20.33
N GLU A 119 -15.72 18.07 -20.28
CA GLU A 119 -15.70 19.54 -20.53
C GLU A 119 -15.13 20.26 -19.30
N GLY A 120 -14.15 21.13 -19.50
CA GLY A 120 -13.54 21.94 -18.44
C GLY A 120 -12.47 21.18 -17.64
N LEU A 121 -12.17 19.95 -18.03
CA LEU A 121 -11.10 19.13 -17.40
C LEU A 121 -10.01 18.87 -18.45
N SER A 122 -8.79 19.38 -18.21
CA SER A 122 -7.65 19.32 -19.15
C SER A 122 -6.42 18.71 -18.46
N PHE A 123 -5.61 18.00 -19.25
CA PHE A 123 -4.37 17.33 -18.80
C PHE A 123 -3.15 18.07 -19.36
N HIS A 124 -2.21 18.43 -18.49
CA HIS A 124 -1.01 19.26 -18.78
C HIS A 124 0.23 18.45 -18.43
N MET A 125 0.97 17.98 -19.44
CA MET A 125 2.04 16.99 -19.22
C MET A 125 3.38 17.70 -18.97
N GLY A 126 4.05 17.30 -17.88
CA GLY A 126 5.37 17.81 -17.47
C GLY A 126 5.45 17.93 -15.96
N PHE A 127 6.34 18.78 -15.48
CA PHE A 127 6.68 18.91 -14.03
C PHE A 127 6.10 20.20 -13.45
N GLY A 128 5.09 20.03 -12.60
CA GLY A 128 4.49 21.10 -11.79
C GLY A 128 5.46 21.66 -10.76
N ALA A 129 5.42 22.97 -10.58
CA ALA A 129 6.09 23.73 -9.50
C ALA A 129 5.29 25.02 -9.28
N LEU A 130 5.32 25.57 -8.06
CA LEU A 130 4.64 26.85 -7.73
C LEU A 130 5.58 28.02 -8.05
N GLN A 131 5.02 29.12 -8.59
CA GLN A 131 5.70 30.45 -8.64
C GLN A 131 5.20 31.32 -7.49
N ASP A 132 3.90 31.21 -7.18
CA ASP A 132 3.20 31.99 -6.12
C ASP A 132 1.88 31.26 -5.84
N ALA A 133 1.00 31.86 -5.02
CA ALA A 133 -0.24 31.22 -4.52
C ALA A 133 -1.24 30.96 -5.65
N HIS A 134 -1.12 31.65 -6.79
CA HIS A 134 -2.11 31.58 -7.90
C HIS A 134 -1.46 31.15 -9.22
N THR A 135 -0.19 30.73 -9.20
CA THR A 135 0.57 30.38 -10.44
C THR A 135 1.33 29.06 -10.27
N VAL A 136 1.01 28.07 -11.10
CA VAL A 136 1.71 26.78 -11.23
C VAL A 136 2.40 26.76 -12.59
N VAL A 137 3.67 26.37 -12.62
CA VAL A 137 4.48 26.30 -13.87
C VAL A 137 4.73 24.82 -14.20
N VAL A 138 4.55 24.45 -15.47
CA VAL A 138 4.80 23.07 -15.98
C VAL A 138 6.09 23.11 -16.79
N ARG A 139 7.09 22.31 -16.41
CA ARG A 139 8.42 22.29 -17.08
C ARG A 139 8.62 20.92 -17.75
N LYS A 140 9.59 20.83 -18.66
CA LYS A 140 9.92 19.59 -19.42
C LYS A 140 10.55 18.57 -18.47
N SER A 141 11.35 19.04 -17.51
CA SER A 141 12.04 18.17 -16.52
C SER A 141 11.91 18.74 -15.10
N GLU A 142 12.30 17.91 -14.13
CA GLU A 142 12.32 18.19 -12.67
C GLU A 142 13.23 19.39 -12.38
N ASP A 143 14.33 19.51 -13.13
CA ASP A 143 15.33 20.61 -13.05
C ASP A 143 14.62 21.95 -13.19
N PRO A 144 14.80 22.90 -12.24
CA PRO A 144 14.10 24.18 -12.28
C PRO A 144 14.57 25.18 -13.34
N HIS A 145 15.64 24.87 -14.07
CA HIS A 145 16.17 25.69 -15.19
C HIS A 145 15.71 25.13 -16.53
N SER A 146 14.92 24.05 -16.53
CA SER A 146 14.36 23.42 -17.76
C SER A 146 13.28 24.33 -18.35
N ASP A 147 13.06 24.23 -19.66
CA ASP A 147 12.12 25.11 -20.41
C ASP A 147 10.74 25.05 -19.76
N VAL A 148 10.10 26.20 -19.60
CA VAL A 148 8.69 26.32 -19.13
C VAL A 148 7.78 26.03 -20.32
N LEU A 149 6.82 25.09 -20.16
CA LEU A 149 5.87 24.68 -21.22
C LEU A 149 4.54 25.43 -21.07
N GLU A 150 4.09 25.61 -19.82
CA GLU A 150 2.81 26.29 -19.51
C GLU A 150 2.93 27.05 -18.21
N THR A 151 2.22 28.18 -18.12
CA THR A 151 2.01 28.96 -16.87
C THR A 151 0.51 28.97 -16.58
N LEU A 152 0.10 28.22 -15.54
CA LEU A 152 -1.32 28.00 -15.19
C LEU A 152 -1.72 29.00 -14.10
N ASP A 153 -2.55 29.96 -14.49
CA ASP A 153 -3.14 31.00 -13.61
C ASP A 153 -4.40 30.41 -12.99
N THR A 154 -4.43 30.26 -11.66
CA THR A 154 -5.48 29.46 -10.98
C THR A 154 -5.87 30.09 -9.63
N GLU A 155 -7.14 29.93 -9.27
CA GLU A 155 -7.70 30.35 -7.95
C GLU A 155 -7.17 29.41 -6.86
N TYR A 156 -7.43 28.11 -6.98
CA TYR A 156 -7.01 27.09 -5.98
C TYR A 156 -5.90 26.19 -6.56
N ILE A 157 -5.00 25.74 -5.70
CA ILE A 157 -3.96 24.72 -6.02
C ILE A 157 -4.16 23.52 -5.09
N LEU A 158 -4.22 22.32 -5.68
CA LEU A 158 -4.25 21.03 -4.93
C LEU A 158 -2.94 20.29 -5.21
N ILE A 159 -2.18 19.98 -4.15
CA ILE A 159 -0.90 19.23 -4.24
C ILE A 159 -1.20 17.76 -3.91
N ALA A 160 -1.00 16.87 -4.88
CA ALA A 160 -1.35 15.44 -4.80
C ALA A 160 -0.28 14.62 -5.54
N THR A 161 0.98 14.91 -5.25
CA THR A 161 2.17 14.36 -5.97
C THR A 161 2.64 13.04 -5.33
N GLY A 162 1.95 12.58 -4.28
CA GLY A 162 2.16 11.26 -3.68
C GLY A 162 3.52 11.13 -3.03
N SER A 163 4.14 9.95 -3.12
CA SER A 163 5.41 9.60 -2.42
C SER A 163 6.38 8.88 -3.38
N TRP A 164 7.56 8.51 -2.88
CA TRP A 164 8.69 7.96 -3.67
C TRP A 164 9.54 7.07 -2.78
N PRO A 165 10.10 5.94 -3.29
CA PRO A 165 10.86 5.01 -2.47
C PRO A 165 12.11 5.67 -1.87
N THR A 166 12.38 5.40 -0.59
CA THR A 166 13.65 5.78 0.08
C THR A 166 14.74 4.80 -0.34
N ARG A 167 15.99 5.29 -0.39
CA ARG A 167 17.19 4.51 -0.73
C ARG A 167 17.94 4.19 0.57
N LEU A 168 18.92 3.29 0.49
CA LEU A 168 19.64 2.74 1.66
C LEU A 168 20.81 3.66 2.03
N GLY A 169 21.42 4.28 1.01
CA GLY A 169 22.53 5.24 1.18
C GLY A 169 23.77 4.58 1.76
N VAL A 170 24.22 3.51 1.10
CA VAL A 170 25.49 2.79 1.44
C VAL A 170 26.26 2.58 0.14
N PRO A 171 27.59 2.33 0.21
CA PRO A 171 28.35 1.93 -0.99
C PRO A 171 27.65 0.79 -1.74
N GLY A 172 27.22 1.05 -2.97
CA GLY A 172 26.59 0.07 -3.88
C GLY A 172 25.07 0.12 -3.85
N ASP A 173 24.51 1.18 -3.25
CA ASP A 173 23.05 1.45 -3.18
C ASP A 173 22.45 1.50 -4.59
N GLU A 174 23.24 1.94 -5.59
CA GLU A 174 22.79 2.18 -6.99
C GLU A 174 22.63 0.86 -7.76
N PHE A 175 23.13 -0.26 -7.26
CA PHE A 175 22.98 -1.60 -7.91
C PHE A 175 21.67 -2.26 -7.49
N CYS A 176 20.98 -1.66 -6.51
CA CYS A 176 19.69 -2.15 -5.97
C CYS A 176 18.53 -1.59 -6.78
N ILE A 177 17.36 -2.23 -6.68
CA ILE A 177 16.08 -1.82 -7.35
C ILE A 177 15.07 -1.47 -6.27
N THR A 178 13.91 -0.94 -6.67
CA THR A 178 12.75 -0.66 -5.79
C THR A 178 11.52 -1.33 -6.39
N SER A 179 10.35 -1.09 -5.81
CA SER A 179 9.04 -1.50 -6.39
C SER A 179 8.99 -1.05 -7.87
N ASN A 180 9.36 0.20 -8.15
CA ASN A 180 9.35 0.84 -9.50
C ASN A 180 9.98 -0.08 -10.54
N GLU A 181 11.22 -0.51 -10.32
CA GLU A 181 12.04 -1.27 -11.31
C GLU A 181 11.61 -2.75 -11.31
N ALA A 182 11.12 -3.24 -10.16
CA ALA A 182 10.67 -4.64 -9.99
C ALA A 182 9.57 -4.97 -11.01
N PHE A 183 8.73 -3.98 -11.33
CA PHE A 183 7.58 -4.11 -12.25
C PHE A 183 8.03 -4.30 -13.70
N TYR A 184 9.26 -3.90 -14.06
CA TYR A 184 9.74 -3.90 -15.47
C TYR A 184 10.97 -4.79 -15.62
N LEU A 185 11.22 -5.69 -14.66
CA LEU A 185 12.33 -6.66 -14.74
C LEU A 185 12.15 -7.51 -16.00
N GLU A 186 13.23 -7.70 -16.76
CA GLU A 186 13.21 -8.50 -18.01
C GLU A 186 13.02 -9.98 -17.67
N ASP A 187 13.58 -10.43 -16.54
CA ASP A 187 13.54 -11.86 -16.13
C ASP A 187 13.25 -11.97 -14.63
N ALA A 188 12.56 -13.05 -14.24
CA ALA A 188 12.40 -13.43 -12.81
C ALA A 188 13.75 -13.88 -12.28
N PRO A 189 14.27 -13.21 -11.24
CA PRO A 189 15.59 -13.52 -10.68
C PRO A 189 15.64 -14.90 -10.01
N LYS A 190 16.75 -15.62 -10.18
CA LYS A 190 17.01 -16.94 -9.56
C LYS A 190 17.21 -16.75 -8.06
N ARG A 191 17.99 -15.74 -7.68
CA ARG A 191 18.41 -15.48 -6.28
C ARG A 191 18.06 -14.04 -5.91
N MET A 192 16.99 -13.87 -5.13
CA MET A 192 16.34 -12.56 -4.86
C MET A 192 16.53 -12.21 -3.39
N LEU A 193 17.02 -11.00 -3.12
CA LEU A 193 17.05 -10.40 -1.75
C LEU A 193 16.06 -9.24 -1.71
N CYS A 194 15.01 -9.37 -0.89
CA CYS A 194 14.07 -8.28 -0.53
C CYS A 194 14.50 -7.68 0.81
N VAL A 195 15.00 -6.45 0.78
CA VAL A 195 15.41 -5.70 2.01
C VAL A 195 14.19 -4.89 2.48
N GLY A 196 13.87 -4.98 3.77
CA GLY A 196 12.71 -4.31 4.37
C GLY A 196 11.81 -5.29 5.10
N GLY A 197 10.85 -4.77 5.87
CA GLY A 197 9.87 -5.58 6.62
C GLY A 197 8.48 -4.99 6.59
N GLY A 198 8.18 -4.11 5.63
CA GLY A 198 6.86 -3.50 5.44
C GLY A 198 6.05 -4.29 4.45
N TYR A 199 4.77 -3.93 4.28
CA TYR A 199 3.81 -4.65 3.38
C TYR A 199 4.39 -4.79 1.96
N ILE A 200 5.22 -3.85 1.48
CA ILE A 200 5.78 -3.91 0.09
C ILE A 200 6.85 -5.00 -0.01
N ALA A 201 7.81 -5.04 0.92
CA ALA A 201 8.88 -6.08 1.00
C ALA A 201 8.25 -7.48 1.01
N VAL A 202 7.21 -7.66 1.83
CA VAL A 202 6.55 -8.97 2.10
C VAL A 202 5.71 -9.39 0.88
N GLU A 203 4.95 -8.46 0.29
CA GLU A 203 4.13 -8.74 -0.92
C GLU A 203 5.05 -9.15 -2.07
N PHE A 204 6.16 -8.44 -2.25
CA PHE A 204 7.12 -8.69 -3.37
C PHE A 204 7.90 -10.00 -3.14
N ALA A 205 8.24 -10.32 -1.90
CA ALA A 205 8.87 -11.61 -1.52
C ALA A 205 8.01 -12.76 -2.06
N GLY A 206 6.69 -12.69 -1.81
CA GLY A 206 5.70 -13.69 -2.25
C GLY A 206 5.57 -13.75 -3.76
N ILE A 207 5.75 -12.62 -4.46
CA ILE A 207 5.71 -12.58 -5.96
C ILE A 207 6.95 -13.28 -6.50
N PHE A 208 8.14 -12.85 -6.07
CA PHE A 208 9.43 -13.42 -6.52
C PHE A 208 9.49 -14.90 -6.15
N ASN A 209 8.89 -15.28 -5.02
CA ASN A 209 8.84 -16.69 -4.57
C ASN A 209 8.01 -17.52 -5.56
N GLY A 210 6.90 -16.95 -6.05
CA GLY A 210 5.99 -17.62 -6.98
C GLY A 210 6.60 -17.80 -8.37
N TYR A 211 7.39 -16.82 -8.81
CA TYR A 211 7.92 -16.74 -10.20
C TYR A 211 9.42 -17.08 -10.28
N LYS A 212 10.04 -17.50 -9.18
CA LYS A 212 11.49 -17.90 -9.20
C LYS A 212 11.66 -19.07 -10.16
N PRO A 213 12.75 -19.10 -10.97
CA PRO A 213 13.10 -20.28 -11.75
C PRO A 213 13.46 -21.46 -10.83
N CYS A 214 13.72 -22.62 -11.42
CA CYS A 214 13.56 -23.96 -10.78
C CYS A 214 14.48 -24.18 -9.57
N GLY A 215 15.70 -23.63 -9.56
CA GLY A 215 16.64 -23.81 -8.43
C GLY A 215 16.69 -22.57 -7.53
N GLY A 216 15.78 -21.62 -7.76
CA GLY A 216 15.86 -20.26 -7.21
C GLY A 216 15.30 -20.17 -5.80
N TYR A 217 15.55 -19.03 -5.15
CA TYR A 217 15.18 -18.77 -3.73
C TYR A 217 15.06 -17.25 -3.52
N VAL A 218 14.23 -16.89 -2.55
CA VAL A 218 13.99 -15.50 -2.09
C VAL A 218 14.41 -15.42 -0.62
N ASP A 219 15.26 -14.46 -0.30
CA ASP A 219 15.56 -14.06 1.11
C ASP A 219 14.85 -12.74 1.37
N LEU A 220 14.24 -12.63 2.55
CA LEU A 220 13.66 -11.38 3.08
C LEU A 220 14.51 -10.96 4.27
N CYS A 221 15.20 -9.83 4.16
CA CYS A 221 16.17 -9.35 5.19
C CYS A 221 15.63 -8.06 5.82
N TYR A 222 15.26 -8.12 7.10
CA TYR A 222 14.70 -6.99 7.88
C TYR A 222 15.68 -6.64 9.00
N ARG A 223 15.83 -5.33 9.31
CA ARG A 223 16.81 -4.84 10.32
C ARG A 223 16.25 -5.00 11.74
N GLY A 224 14.95 -5.27 11.90
CA GLY A 224 14.28 -5.47 13.20
C GLY A 224 14.10 -6.94 13.55
N ASP A 225 13.43 -7.21 14.68
CA ASP A 225 13.23 -8.57 15.25
C ASP A 225 12.07 -9.28 14.53
N LEU A 226 11.05 -8.52 14.14
CA LEU A 226 9.78 -9.08 13.61
C LEU A 226 9.22 -8.16 12.52
N ILE A 227 8.95 -8.72 11.35
CA ILE A 227 8.42 -7.97 10.17
C ILE A 227 7.05 -7.37 10.53
N LEU A 228 6.64 -6.37 9.74
CA LEU A 228 5.29 -5.71 9.74
C LEU A 228 5.05 -5.02 11.08
N ARG A 229 5.91 -4.06 11.42
CA ARG A 229 5.69 -3.08 12.52
C ARG A 229 4.32 -2.41 12.34
N GLY A 230 3.57 -2.27 13.44
CA GLY A 230 2.24 -1.63 13.45
C GLY A 230 1.10 -2.63 13.27
N PHE A 231 1.42 -3.88 12.95
CA PHE A 231 0.40 -4.96 12.81
C PHE A 231 0.35 -5.79 14.09
N ASP A 232 -0.73 -6.57 14.23
CA ASP A 232 -0.98 -7.50 15.35
C ASP A 232 0.23 -8.44 15.50
N THR A 233 0.79 -8.53 16.70
CA THR A 233 2.04 -9.27 17.01
C THR A 233 1.91 -10.74 16.61
N GLU A 234 0.81 -11.38 16.97
CA GLU A 234 0.56 -12.83 16.75
C GLU A 234 0.32 -13.08 15.25
N VAL A 235 -0.32 -12.14 14.55
CA VAL A 235 -0.48 -12.20 13.06
C VAL A 235 0.90 -12.16 12.42
N ARG A 236 1.78 -11.28 12.89
CA ARG A 236 3.14 -11.08 12.33
C ARG A 236 3.98 -12.36 12.52
N LYS A 237 3.90 -12.99 13.69
CA LYS A 237 4.70 -14.22 14.01
C LYS A 237 4.19 -15.39 13.16
N SER A 238 2.87 -15.48 12.97
CA SER A 238 2.22 -16.60 12.23
C SER A 238 2.50 -16.48 10.74
N LEU A 239 2.53 -15.24 10.21
CA LEU A 239 2.87 -14.97 8.79
C LEU A 239 4.34 -15.29 8.53
N THR A 240 5.22 -14.87 9.43
CA THR A 240 6.67 -15.20 9.37
C THR A 240 6.82 -16.72 9.20
N LYS A 241 6.13 -17.50 10.04
CA LYS A 241 6.12 -18.98 9.97
C LYS A 241 5.63 -19.43 8.58
N GLN A 242 4.57 -18.80 8.05
CA GLN A 242 3.86 -19.30 6.85
C GLN A 242 4.65 -18.93 5.57
N LEU A 243 5.40 -17.83 5.60
CA LEU A 243 6.37 -17.46 4.53
C LEU A 243 7.50 -18.51 4.49
N GLY A 244 8.03 -18.86 5.67
CA GLY A 244 9.04 -19.93 5.85
C GLY A 244 8.63 -21.21 5.15
N ALA A 245 7.41 -21.69 5.45
CA ALA A 245 6.85 -22.97 4.94
C ALA A 245 6.62 -22.88 3.41
N ASN A 246 6.39 -21.66 2.91
N ASN A 246 6.38 -21.68 2.86
CA ASN A 246 6.17 -21.36 1.46
CA ASN A 246 6.20 -21.52 1.39
C ASN A 246 7.53 -21.23 0.76
C ASN A 246 7.56 -21.30 0.73
N GLY A 247 8.65 -21.25 1.53
CA GLY A 247 10.02 -21.33 1.01
C GLY A 247 10.79 -20.02 1.06
N ILE A 248 10.27 -18.99 1.74
CA ILE A 248 10.97 -17.68 1.88
C ILE A 248 11.80 -17.70 3.17
N ARG A 249 13.10 -17.42 3.05
CA ARG A 249 14.02 -17.37 4.21
C ARG A 249 13.96 -15.96 4.81
N VAL A 250 13.31 -15.83 5.98
CA VAL A 250 13.18 -14.53 6.70
C VAL A 250 14.37 -14.38 7.64
N ARG A 251 15.14 -13.30 7.49
CA ARG A 251 16.32 -13.01 8.33
C ARG A 251 16.10 -11.69 9.07
N THR A 252 16.17 -11.73 10.41
CA THR A 252 15.86 -10.57 11.27
C THR A 252 17.18 -9.96 11.78
N ASN A 253 17.12 -8.71 12.24
CA ASN A 253 18.27 -7.95 12.80
C ASN A 253 19.45 -8.01 11.82
N LEU A 254 19.17 -7.79 10.54
CA LEU A 254 20.19 -7.87 9.45
C LEU A 254 19.98 -6.68 8.52
N ASN A 255 21.08 -6.02 8.15
CA ASN A 255 21.07 -4.89 7.18
C ASN A 255 22.30 -5.02 6.28
N PRO A 256 22.16 -4.78 4.95
CA PRO A 256 23.32 -4.76 4.07
C PRO A 256 24.19 -3.53 4.39
N THR A 257 25.52 -3.72 4.33
CA THR A 257 26.53 -2.65 4.57
C THR A 257 27.18 -2.24 3.25
N LYS A 258 27.13 -3.11 2.24
CA LYS A 258 27.92 -2.96 0.99
C LYS A 258 27.37 -3.93 -0.07
N ILE A 259 27.09 -3.39 -1.26
CA ILE A 259 26.85 -4.19 -2.50
C ILE A 259 27.94 -3.82 -3.52
N THR A 260 28.49 -4.83 -4.21
CA THR A 260 29.50 -4.68 -5.29
C THR A 260 29.06 -5.56 -6.47
N LYS A 261 29.45 -5.21 -7.70
CA LYS A 261 28.95 -5.87 -8.92
C LYS A 261 29.87 -7.03 -9.32
N ASN A 262 29.30 -8.23 -9.50
CA ASN A 262 30.03 -9.46 -9.91
C ASN A 262 30.30 -9.44 -11.41
N GLU A 263 31.17 -10.33 -11.87
CA GLU A 263 31.64 -10.45 -13.28
C GLU A 263 30.45 -10.83 -14.17
N ASP A 264 29.59 -11.74 -13.69
CA ASP A 264 28.45 -12.31 -14.46
C ASP A 264 27.24 -11.37 -14.41
N GLY A 265 27.29 -10.29 -13.63
CA GLY A 265 26.21 -9.29 -13.53
C GLY A 265 25.39 -9.42 -12.26
N SER A 266 25.75 -10.35 -11.36
CA SER A 266 25.07 -10.54 -10.05
C SER A 266 25.59 -9.49 -9.06
N ASN A 267 25.06 -9.51 -7.83
CA ASN A 267 25.42 -8.53 -6.76
C ASN A 267 25.99 -9.30 -5.57
N HIS A 268 27.23 -8.99 -5.15
CA HIS A 268 27.83 -9.46 -3.88
C HIS A 268 27.33 -8.55 -2.76
N VAL A 269 26.65 -9.12 -1.75
CA VAL A 269 26.07 -8.35 -0.62
C VAL A 269 26.81 -8.71 0.67
N HIS A 270 27.40 -7.71 1.32
CA HIS A 270 27.94 -7.77 2.70
C HIS A 270 26.83 -7.34 3.67
N PHE A 271 26.77 -7.99 4.84
CA PHE A 271 25.76 -7.77 5.91
C PHE A 271 26.45 -7.41 7.24
N ASN A 272 25.67 -6.91 8.21
CA ASN A 272 26.06 -6.67 9.63
C ASN A 272 26.89 -7.82 10.21
N ASP A 273 26.37 -9.04 10.15
CA ASP A 273 26.88 -10.23 10.89
C ASP A 273 28.23 -10.70 10.31
N GLY A 274 28.73 -10.02 9.26
CA GLY A 274 29.99 -10.37 8.57
C GLY A 274 29.76 -11.18 7.32
N THR A 275 28.60 -11.85 7.24
CA THR A 275 28.16 -12.73 6.11
C THR A 275 28.24 -11.97 4.79
N GLU A 276 28.63 -12.68 3.73
CA GLU A 276 28.62 -12.22 2.31
C GLU A 276 27.75 -13.17 1.50
N GLU A 277 27.06 -12.66 0.46
CA GLU A 277 26.15 -13.50 -0.36
C GLU A 277 25.93 -12.86 -1.74
N ASP A 278 25.60 -13.67 -2.73
CA ASP A 278 25.37 -13.21 -4.13
C ASP A 278 23.89 -13.33 -4.47
N TYR A 279 23.32 -12.26 -5.03
CA TYR A 279 21.91 -12.20 -5.49
C TYR A 279 21.86 -11.61 -6.90
N ASP A 280 20.99 -12.18 -7.74
CA ASP A 280 20.73 -11.70 -9.13
C ASP A 280 20.11 -10.30 -9.08
N GLN A 281 19.19 -10.07 -8.13
CA GLN A 281 18.59 -8.74 -7.86
C GLN A 281 18.52 -8.53 -6.34
N VAL A 282 18.63 -7.27 -5.90
CA VAL A 282 18.45 -6.84 -4.50
C VAL A 282 17.42 -5.71 -4.50
N MET A 283 16.28 -5.90 -3.83
CA MET A 283 15.18 -4.91 -3.85
C MET A 283 15.04 -4.24 -2.49
N LEU A 284 14.97 -2.90 -2.49
CA LEU A 284 14.81 -2.05 -1.28
C LEU A 284 13.34 -1.62 -1.17
N ALA A 285 12.68 -2.05 -0.11
CA ALA A 285 11.33 -1.61 0.31
C ALA A 285 11.42 -1.16 1.77
N ILE A 286 12.05 -0.01 2.01
CA ILE A 286 12.49 0.44 3.36
C ILE A 286 11.89 1.80 3.69
N GLY A 287 10.85 2.23 2.96
CA GLY A 287 10.18 3.51 3.21
C GLY A 287 9.81 4.23 1.93
N ARG A 288 8.78 5.06 2.01
CA ARG A 288 8.34 5.99 0.94
C ARG A 288 8.12 7.36 1.57
N VAL A 289 8.72 8.40 0.98
CA VAL A 289 8.71 9.79 1.52
C VAL A 289 7.95 10.68 0.55
N PRO A 290 7.22 11.70 1.05
CA PRO A 290 6.57 12.68 0.19
C PRO A 290 7.45 13.23 -0.95
N ARG A 291 6.84 13.36 -2.12
CA ARG A 291 7.42 14.05 -3.31
C ARG A 291 7.09 15.55 -3.26
N SER A 292 7.78 16.28 -2.38
CA SER A 292 7.58 17.74 -2.18
C SER A 292 8.81 18.53 -2.65
N GLN A 293 9.91 17.84 -2.96
CA GLN A 293 11.29 18.41 -2.99
C GLN A 293 11.55 19.18 -4.29
N ALA A 294 10.69 19.07 -5.30
CA ALA A 294 10.86 19.76 -6.61
C ALA A 294 9.67 20.67 -6.91
N LEU A 295 8.83 20.98 -5.91
CA LEU A 295 7.58 21.74 -6.11
C LEU A 295 7.78 23.24 -5.84
N GLN A 296 9.00 23.64 -5.44
CA GLN A 296 9.33 25.04 -5.04
C GLN A 296 8.28 25.52 -4.04
N LEU A 297 8.10 24.77 -2.95
CA LEU A 297 7.03 25.04 -1.94
C LEU A 297 7.42 26.24 -1.09
N ASP A 298 8.71 26.43 -0.82
CA ASP A 298 9.26 27.57 -0.06
C ASP A 298 8.95 28.88 -0.79
N LYS A 299 9.10 28.90 -2.12
CA LYS A 299 8.83 30.09 -2.99
C LYS A 299 7.42 30.63 -2.70
N ALA A 300 6.41 29.76 -2.68
CA ALA A 300 4.99 30.12 -2.42
C ALA A 300 4.71 30.21 -0.92
N GLY A 301 5.56 29.63 -0.08
CA GLY A 301 5.42 29.68 1.39
C GLY A 301 4.41 28.67 1.90
N VAL A 302 4.52 27.42 1.49
CA VAL A 302 3.70 26.28 2.00
C VAL A 302 4.53 25.53 3.06
N ARG A 303 3.96 25.31 4.24
CA ARG A 303 4.69 24.74 5.40
C ARG A 303 5.02 23.28 5.12
N THR A 304 6.29 22.93 5.27
CA THR A 304 6.83 21.55 5.10
C THR A 304 7.36 21.06 6.46
N GLY A 305 7.01 19.84 6.84
CA GLY A 305 7.47 19.19 8.08
C GLY A 305 7.90 17.76 7.83
N LYS A 306 7.98 16.95 8.90
CA LYS A 306 8.25 15.49 8.82
C LYS A 306 9.39 15.22 7.84
N ASN A 307 9.22 14.28 6.91
CA ASN A 307 10.20 13.97 5.82
C ASN A 307 9.80 14.73 4.55
N GLY A 308 9.59 16.04 4.66
CA GLY A 308 9.13 16.88 3.53
C GLY A 308 7.63 16.82 3.33
N ALA A 309 6.88 16.31 4.31
CA ALA A 309 5.41 16.24 4.23
C ALA A 309 4.83 17.66 4.24
N VAL A 310 3.74 17.87 3.50
CA VAL A 310 2.96 19.14 3.49
C VAL A 310 2.02 19.11 4.70
N GLN A 311 2.03 20.16 5.51
CA GLN A 311 1.16 20.27 6.71
C GLN A 311 -0.21 20.78 6.29
N VAL A 312 -1.25 20.11 6.78
CA VAL A 312 -2.66 20.42 6.45
C VAL A 312 -3.44 20.38 7.76
N ASP A 313 -4.67 20.91 7.75
CA ASP A 313 -5.61 20.76 8.88
C ASP A 313 -6.54 19.59 8.54
N ALA A 314 -7.64 19.43 9.26
CA ALA A 314 -8.62 18.35 9.02
C ALA A 314 -9.25 18.51 7.64
N TYR A 315 -9.14 19.70 7.03
CA TYR A 315 -9.77 20.04 5.72
C TYR A 315 -8.75 19.93 4.57
N SER A 316 -7.54 19.46 4.88
CA SER A 316 -6.43 19.23 3.90
C SER A 316 -5.95 20.57 3.34
N LYS A 317 -6.00 21.65 4.13
CA LYS A 317 -5.59 23.02 3.73
C LYS A 317 -4.20 23.33 4.27
N THR A 318 -3.33 23.94 3.45
CA THR A 318 -1.93 24.24 3.81
C THR A 318 -1.89 25.57 4.59
N SER A 319 -0.69 26.10 4.84
CA SER A 319 -0.46 27.42 5.47
C SER A 319 -1.03 28.56 4.61
N VAL A 320 -1.06 28.37 3.28
CA VAL A 320 -1.65 29.31 2.28
C VAL A 320 -3.12 28.89 2.05
N ASP A 321 -4.07 29.82 2.15
CA ASP A 321 -5.53 29.53 2.29
C ASP A 321 -6.15 28.96 1.01
N ASN A 322 -5.56 29.23 -0.15
CA ASN A 322 -6.09 28.79 -1.47
C ASN A 322 -5.38 27.51 -1.92
N ILE A 323 -4.34 27.08 -1.19
CA ILE A 323 -3.53 25.87 -1.53
C ILE A 323 -3.86 24.74 -0.54
N TYR A 324 -4.15 23.56 -1.09
CA TYR A 324 -4.56 22.34 -0.36
C TYR A 324 -3.60 21.22 -0.77
N ALA A 325 -3.46 20.19 0.06
CA ALA A 325 -2.62 19.01 -0.25
C ALA A 325 -3.28 17.75 0.33
N ILE A 326 -3.27 16.67 -0.44
CA ILE A 326 -3.92 15.37 -0.08
C ILE A 326 -3.01 14.21 -0.45
N GLY A 327 -3.35 13.03 0.06
CA GLY A 327 -2.70 11.76 -0.25
C GLY A 327 -1.35 11.63 0.44
N ASP A 328 -0.46 10.81 -0.14
CA ASP A 328 0.83 10.38 0.47
C ASP A 328 1.74 11.60 0.71
N VAL A 329 1.55 12.70 -0.03
CA VAL A 329 2.41 13.92 0.10
C VAL A 329 2.20 14.53 1.49
N THR A 330 1.01 14.31 2.10
CA THR A 330 0.65 14.87 3.44
C THR A 330 1.00 13.86 4.54
N ASN A 331 1.71 12.77 4.22
CA ASN A 331 1.94 11.61 5.12
C ASN A 331 0.56 11.07 5.53
N ARG A 332 0.24 11.05 6.82
CA ARG A 332 -1.00 10.43 7.37
C ARG A 332 -1.01 8.95 6.92
N VAL A 333 -2.14 8.45 6.43
CA VAL A 333 -2.28 7.03 5.98
C VAL A 333 -2.02 7.01 4.47
N MET A 334 -0.98 6.28 4.03
CA MET A 334 -0.60 6.17 2.60
C MET A 334 -1.38 5.04 1.95
N LEU A 335 -2.69 5.24 1.79
CA LEU A 335 -3.62 4.29 1.12
C LEU A 335 -4.40 5.04 0.05
N THR A 336 -4.78 4.34 -1.02
CA THR A 336 -5.47 4.88 -2.21
C THR A 336 -6.86 5.37 -1.83
N PRO A 337 -7.69 4.56 -1.12
CA PRO A 337 -9.05 5.00 -0.76
C PRO A 337 -9.10 6.19 0.19
N VAL A 338 -8.02 6.40 0.96
CA VAL A 338 -7.87 7.56 1.88
C VAL A 338 -7.69 8.82 1.01
N ALA A 339 -6.70 8.80 0.11
CA ALA A 339 -6.41 9.88 -0.86
C ALA A 339 -7.69 10.25 -1.63
N ILE A 340 -8.42 9.25 -2.14
CA ILE A 340 -9.70 9.46 -2.89
C ILE A 340 -10.68 10.19 -1.96
N ASN A 341 -10.74 9.79 -0.69
CA ASN A 341 -11.71 10.34 0.29
C ASN A 341 -11.36 11.80 0.60
N GLU A 342 -10.08 12.11 0.79
CA GLU A 342 -9.57 13.48 1.03
C GLU A 342 -9.88 14.35 -0.20
N GLY A 343 -9.63 13.81 -1.40
CA GLY A 343 -9.90 14.47 -2.67
C GLY A 343 -11.37 14.86 -2.80
N ALA A 344 -12.26 13.92 -2.46
CA ALA A 344 -13.73 14.09 -2.50
C ALA A 344 -14.15 15.17 -1.49
N ALA A 345 -13.62 15.10 -0.27
CA ALA A 345 -13.90 16.01 0.87
C ALA A 345 -13.40 17.42 0.54
N PHE A 346 -12.24 17.53 -0.09
CA PHE A 346 -11.64 18.81 -0.56
C PHE A 346 -12.62 19.53 -1.50
N VAL A 347 -13.24 18.80 -2.43
CA VAL A 347 -14.16 19.39 -3.45
C VAL A 347 -15.47 19.78 -2.76
N GLU A 348 -15.97 18.94 -1.84
CA GLU A 348 -17.22 19.22 -1.08
C GLU A 348 -17.04 20.51 -0.27
N THR A 349 -15.89 20.66 0.38
CA THR A 349 -15.51 21.79 1.26
C THR A 349 -15.46 23.10 0.45
N VAL A 350 -14.55 23.16 -0.54
CA VAL A 350 -14.17 24.40 -1.28
C VAL A 350 -15.23 24.77 -2.32
N PHE A 351 -15.73 23.80 -3.11
CA PHE A 351 -16.62 24.06 -4.27
C PHE A 351 -18.07 23.66 -3.97
N GLY A 352 -18.26 22.60 -3.18
CA GLY A 352 -19.59 22.10 -2.79
C GLY A 352 -20.28 22.99 -1.78
N GLY A 353 -19.50 23.78 -1.03
CA GLY A 353 -20.02 24.65 0.06
C GLY A 353 -20.30 23.87 1.34
N LYS A 354 -20.32 22.53 1.27
CA LYS A 354 -20.69 21.61 2.39
C LYS A 354 -19.41 21.04 2.99
N PRO A 355 -18.80 21.67 4.04
CA PRO A 355 -17.49 21.25 4.52
C PRO A 355 -17.50 19.83 5.11
N ARG A 356 -16.40 19.11 4.93
CA ARG A 356 -16.18 17.75 5.49
C ARG A 356 -14.68 17.49 5.61
N ALA A 357 -14.27 16.81 6.68
CA ALA A 357 -12.90 16.31 6.90
C ALA A 357 -12.93 14.79 6.83
N THR A 358 -11.97 14.19 6.10
CA THR A 358 -11.82 12.71 6.02
C THR A 358 -11.55 12.17 7.42
N ASP A 359 -12.25 11.10 7.79
CA ASP A 359 -12.11 10.38 9.08
C ASP A 359 -11.04 9.30 8.93
N HIS A 360 -9.91 9.46 9.61
CA HIS A 360 -8.70 8.61 9.46
C HIS A 360 -8.68 7.44 10.47
N THR A 361 -9.69 7.33 11.33
CA THR A 361 -9.76 6.29 12.37
C THR A 361 -10.57 5.11 11.83
N LYS A 362 -10.27 3.90 12.32
CA LYS A 362 -10.99 2.63 11.98
C LYS A 362 -11.02 2.43 10.46
N VAL A 363 -9.92 2.76 9.77
CA VAL A 363 -9.80 2.47 8.31
C VAL A 363 -9.18 1.08 8.15
N ALA A 364 -9.94 0.16 7.56
CA ALA A 364 -9.48 -1.22 7.27
C ALA A 364 -8.45 -1.14 6.13
N CYS A 365 -7.44 -2.01 6.18
CA CYS A 365 -6.47 -2.21 5.09
C CYS A 365 -6.16 -3.70 4.97
N ALA A 366 -5.37 -4.06 3.95
CA ALA A 366 -4.98 -5.45 3.67
C ALA A 366 -3.51 -5.47 3.27
N VAL A 367 -2.84 -6.58 3.57
CA VAL A 367 -1.51 -6.94 2.98
C VAL A 367 -1.76 -8.15 2.07
N PHE A 368 -1.43 -8.03 0.80
CA PHE A 368 -1.58 -9.12 -0.20
C PHE A 368 -0.31 -9.97 -0.20
N SER A 369 0.10 -10.35 1.01
CA SER A 369 1.03 -11.46 1.28
C SER A 369 0.33 -12.77 0.89
N ILE A 370 1.08 -13.86 0.83
CA ILE A 370 0.56 -15.25 0.64
C ILE A 370 0.94 -16.05 1.89
N PRO A 371 0.05 -16.22 2.90
CA PRO A 371 -1.34 -15.75 2.86
C PRO A 371 -1.54 -14.30 3.25
N PRO A 372 -2.70 -13.72 2.88
CA PRO A 372 -2.93 -12.30 3.09
C PRO A 372 -3.43 -11.94 4.50
N ILE A 373 -3.28 -10.67 4.84
CA ILE A 373 -3.77 -10.05 6.11
C ILE A 373 -4.90 -9.08 5.80
N GLY A 374 -5.93 -9.09 6.66
CA GLY A 374 -6.97 -8.04 6.70
C GLY A 374 -7.08 -7.48 8.10
N THR A 375 -6.87 -6.17 8.28
CA THR A 375 -6.87 -5.52 9.61
C THR A 375 -7.69 -4.23 9.58
N CYS A 376 -8.36 -3.93 10.70
CA CYS A 376 -9.10 -2.66 10.96
C CYS A 376 -8.99 -2.34 12.44
N GLY A 377 -8.63 -1.10 12.79
CA GLY A 377 -8.62 -0.62 14.19
C GLY A 377 -7.28 -0.85 14.84
N MET A 378 -7.24 -0.90 16.18
CA MET A 378 -5.96 -0.80 16.93
C MET A 378 -5.45 -2.19 17.32
N THR A 379 -4.12 -2.30 17.48
CA THR A 379 -3.43 -3.45 18.11
C THR A 379 -3.78 -3.45 19.59
N GLU A 380 -3.65 -4.60 20.26
CA GLU A 380 -3.88 -4.72 21.72
C GLU A 380 -2.84 -3.85 22.46
N GLU A 381 -1.65 -3.67 21.89
CA GLU A 381 -0.57 -2.84 22.50
C GLU A 381 -1.06 -1.40 22.67
N GLU A 382 -1.62 -0.78 21.62
CA GLU A 382 -2.02 0.64 21.68
C GLU A 382 -3.40 0.76 22.36
N ALA A 383 -4.24 -0.29 22.28
CA ALA A 383 -5.51 -0.39 23.04
C ALA A 383 -5.21 -0.32 24.55
N ALA A 384 -4.24 -1.12 25.01
CA ALA A 384 -3.93 -1.31 26.44
C ALA A 384 -3.34 -0.03 27.04
N LYS A 385 -2.81 0.87 26.22
CA LYS A 385 -2.28 2.20 26.66
C LYS A 385 -3.45 3.18 26.82
N ASN A 386 -4.29 3.31 25.78
CA ASN A 386 -5.34 4.36 25.67
C ASN A 386 -6.63 3.95 26.38
N TYR A 387 -6.71 2.73 26.95
CA TYR A 387 -7.97 2.18 27.50
C TYR A 387 -7.73 1.54 28.86
N GLU A 388 -8.71 1.77 29.72
CA GLU A 388 -8.77 1.35 31.14
C GLU A 388 -8.62 -0.18 31.17
N THR A 389 -9.59 -0.89 30.59
CA THR A 389 -9.72 -2.37 30.59
C THR A 389 -9.95 -2.86 29.15
N VAL A 390 -9.15 -3.83 28.72
CA VAL A 390 -9.13 -4.35 27.32
C VAL A 390 -9.27 -5.87 27.36
N ALA A 391 -10.24 -6.42 26.62
CA ALA A 391 -10.42 -7.87 26.44
C ALA A 391 -9.85 -8.27 25.08
N VAL A 392 -9.10 -9.37 25.02
CA VAL A 392 -8.53 -9.91 23.75
C VAL A 392 -9.20 -11.26 23.46
N TYR A 393 -9.95 -11.33 22.36
CA TYR A 393 -10.55 -12.57 21.80
C TYR A 393 -9.63 -13.07 20.69
N ALA A 394 -9.37 -14.38 20.62
CA ALA A 394 -8.37 -14.98 19.70
C ALA A 394 -8.80 -16.38 19.29
N SER A 395 -8.74 -16.67 17.99
CA SER A 395 -9.10 -17.99 17.42
C SER A 395 -8.24 -18.28 16.18
N SER A 396 -7.61 -19.46 16.20
CA SER A 396 -6.77 -20.03 15.11
C SER A 396 -7.37 -21.36 14.71
N PHE A 397 -7.63 -21.58 13.42
CA PHE A 397 -8.11 -22.89 12.94
C PHE A 397 -7.54 -23.16 11.54
N THR A 398 -7.66 -24.41 11.13
CA THR A 398 -7.18 -24.95 9.83
C THR A 398 -8.42 -25.35 9.04
N PRO A 399 -8.78 -24.56 7.99
CA PRO A 399 -9.85 -24.97 7.09
C PRO A 399 -9.69 -26.45 6.72
N LEU A 400 -10.78 -27.22 6.74
CA LEU A 400 -10.74 -28.70 6.54
C LEU A 400 -10.13 -29.03 5.17
N MET A 401 -10.31 -28.15 4.17
CA MET A 401 -9.76 -28.37 2.80
C MET A 401 -8.24 -28.61 2.85
N HIS A 402 -7.54 -28.09 3.87
CA HIS A 402 -6.05 -28.20 3.96
C HIS A 402 -5.63 -29.55 4.55
N ASN A 403 -6.58 -30.34 5.06
CA ASN A 403 -6.38 -31.78 5.37
C ASN A 403 -6.15 -32.54 4.06
N ILE A 404 -6.78 -32.08 2.98
CA ILE A 404 -6.72 -32.72 1.63
C ILE A 404 -5.59 -32.09 0.82
N SER A 405 -5.47 -30.76 0.85
CA SER A 405 -4.57 -29.97 -0.02
C SER A 405 -3.09 -30.28 0.27
N GLY A 406 -2.78 -30.65 1.53
CA GLY A 406 -1.40 -30.82 2.00
C GLY A 406 -0.85 -29.57 2.67
N SER A 407 -1.54 -28.43 2.55
CA SER A 407 -1.08 -27.11 3.08
C SER A 407 -1.50 -26.93 4.54
N LYS A 408 -0.93 -27.72 5.46
CA LYS A 408 -1.39 -27.80 6.88
C LYS A 408 -0.81 -26.65 7.71
N HIS A 409 0.13 -25.90 7.15
CA HIS A 409 0.71 -24.65 7.73
C HIS A 409 -0.28 -23.47 7.60
N LYS A 410 -1.35 -23.61 6.81
CA LYS A 410 -2.25 -22.47 6.48
C LYS A 410 -3.34 -22.34 7.54
N GLU A 411 -2.90 -22.01 8.76
CA GLU A 411 -3.74 -21.56 9.89
C GLU A 411 -4.46 -20.28 9.47
N PHE A 412 -5.78 -20.25 9.61
CA PHE A 412 -6.60 -19.01 9.60
C PHE A 412 -6.66 -18.46 11.02
N MET A 413 -6.36 -17.17 11.20
CA MET A 413 -6.26 -16.53 12.53
C MET A 413 -7.17 -15.30 12.57
N ILE A 414 -8.02 -15.21 13.59
CA ILE A 414 -8.81 -13.99 13.94
C ILE A 414 -8.45 -13.56 15.35
N ARG A 415 -8.28 -12.25 15.54
CA ARG A 415 -7.98 -11.63 16.86
C ARG A 415 -8.84 -10.37 16.97
N ILE A 416 -9.74 -10.34 17.97
CA ILE A 416 -10.61 -9.16 18.21
C ILE A 416 -10.15 -8.48 19.50
N ILE A 417 -9.83 -7.19 19.40
CA ILE A 417 -9.43 -6.32 20.55
C ILE A 417 -10.66 -5.52 20.93
N THR A 418 -11.07 -5.60 22.20
CA THR A 418 -12.32 -4.97 22.68
C THR A 418 -12.01 -4.06 23.88
N ASN A 419 -12.88 -3.09 24.13
CA ASN A 419 -12.97 -2.37 25.41
C ASN A 419 -13.86 -3.19 26.34
N GLU A 420 -13.33 -3.71 27.45
CA GLU A 420 -14.07 -4.62 28.37
C GLU A 420 -15.28 -3.89 28.96
N SER A 421 -15.17 -2.58 29.20
CA SER A 421 -16.24 -1.75 29.83
C SER A 421 -17.56 -1.90 29.07
N ASN A 422 -17.59 -1.51 27.78
CA ASN A 422 -18.84 -1.44 26.97
C ASN A 422 -18.90 -2.55 25.91
N GLY A 423 -17.80 -3.28 25.69
CA GLY A 423 -17.72 -4.37 24.69
C GLY A 423 -17.43 -3.83 23.29
N GLU A 424 -17.13 -2.53 23.16
CA GLU A 424 -16.87 -1.88 21.86
C GLU A 424 -15.67 -2.57 21.21
N VAL A 425 -15.78 -2.90 19.92
CA VAL A 425 -14.69 -3.55 19.14
C VAL A 425 -13.72 -2.45 18.67
N LEU A 426 -12.49 -2.49 19.18
CA LEU A 426 -11.42 -1.49 18.90
C LEU A 426 -10.52 -1.97 17.76
N GLY A 427 -10.44 -3.28 17.53
CA GLY A 427 -9.51 -3.88 16.57
C GLY A 427 -9.95 -5.25 16.10
N VAL A 428 -9.84 -5.50 14.80
CA VAL A 428 -10.02 -6.85 14.20
C VAL A 428 -8.84 -7.14 13.29
N HIS A 429 -8.16 -8.26 13.54
CA HIS A 429 -6.89 -8.68 12.91
C HIS A 429 -7.04 -10.11 12.41
N MET A 430 -6.96 -10.29 11.10
CA MET A 430 -7.17 -11.61 10.44
C MET A 430 -5.97 -11.94 9.55
N LEU A 431 -5.60 -13.21 9.54
CA LEU A 431 -4.56 -13.78 8.66
C LEU A 431 -5.13 -15.04 8.00
N GLY A 432 -5.16 -15.08 6.67
CA GLY A 432 -5.63 -16.26 5.92
C GLY A 432 -6.35 -15.84 4.65
N ASP A 433 -6.63 -16.81 3.78
CA ASP A 433 -7.26 -16.56 2.46
C ASP A 433 -8.63 -15.92 2.68
N SER A 434 -8.90 -14.85 1.90
CA SER A 434 -10.15 -14.05 1.83
C SER A 434 -10.22 -13.02 2.97
N ALA A 435 -9.14 -12.82 3.73
CA ALA A 435 -9.12 -11.87 4.87
C ALA A 435 -9.36 -10.44 4.38
N PRO A 436 -8.69 -10.00 3.28
CA PRO A 436 -8.92 -8.66 2.74
C PRO A 436 -10.37 -8.39 2.33
N GLU A 437 -11.07 -9.41 1.82
CA GLU A 437 -12.49 -9.30 1.40
C GLU A 437 -13.37 -9.20 2.65
N ILE A 438 -13.12 -10.06 3.64
CA ILE A 438 -13.92 -10.13 4.90
C ILE A 438 -13.77 -8.80 5.66
N ILE A 439 -12.56 -8.23 5.70
CA ILE A 439 -12.25 -7.08 6.60
C ILE A 439 -13.03 -5.84 6.15
N GLN A 440 -13.34 -5.72 4.85
CA GLN A 440 -14.08 -4.56 4.29
C GLN A 440 -15.42 -4.42 5.01
N SER A 441 -16.18 -5.51 5.10
CA SER A 441 -17.48 -5.59 5.80
C SER A 441 -17.30 -5.33 7.30
N VAL A 442 -16.21 -5.82 7.89
CA VAL A 442 -15.86 -5.59 9.32
C VAL A 442 -15.66 -4.08 9.55
N GLY A 443 -15.05 -3.41 8.57
CA GLY A 443 -14.79 -1.95 8.61
C GLY A 443 -16.09 -1.17 8.72
N ILE A 444 -17.17 -1.66 8.10
CA ILE A 444 -18.52 -1.03 8.15
C ILE A 444 -19.06 -1.12 9.58
N CYS A 445 -19.07 -2.34 10.15
CA CYS A 445 -19.53 -2.63 11.52
C CYS A 445 -18.80 -1.71 12.52
N MET A 446 -17.48 -1.57 12.37
CA MET A 446 -16.64 -0.85 13.36
C MET A 446 -16.90 0.66 13.26
N LYS A 447 -17.19 1.14 12.05
CA LYS A 447 -17.66 2.53 11.79
C LYS A 447 -18.93 2.80 12.59
N MET A 448 -19.87 1.84 12.59
CA MET A 448 -21.17 1.90 13.31
C MET A 448 -21.00 1.66 14.82
N GLY A 449 -19.75 1.51 15.31
CA GLY A 449 -19.46 1.29 16.74
C GLY A 449 -19.89 -0.09 17.22
N ALA A 450 -19.63 -1.13 16.42
CA ALA A 450 -19.98 -2.53 16.72
C ALA A 450 -19.38 -2.94 18.06
N LYS A 451 -20.15 -3.71 18.83
CA LYS A 451 -19.71 -4.34 20.12
C LYS A 451 -19.51 -5.83 19.87
N ILE A 452 -18.74 -6.49 20.73
CA ILE A 452 -18.46 -7.96 20.60
C ILE A 452 -19.78 -8.73 20.57
N SER A 453 -20.80 -8.26 21.30
CA SER A 453 -22.15 -8.86 21.38
C SER A 453 -22.84 -8.83 20.01
N ASP A 454 -22.53 -7.83 19.19
CA ASP A 454 -23.10 -7.68 17.82
C ASP A 454 -22.56 -8.80 16.92
N PHE A 455 -21.31 -9.19 17.13
CA PHE A 455 -20.63 -10.29 16.38
C PHE A 455 -21.24 -11.64 16.73
N HIS A 456 -21.31 -12.02 18.01
CA HIS A 456 -21.69 -13.41 18.40
C HIS A 456 -23.21 -13.58 18.44
N SER A 457 -24.00 -12.52 18.27
CA SER A 457 -25.48 -12.62 18.15
C SER A 457 -25.87 -12.86 16.68
N THR A 458 -24.93 -12.67 15.75
CA THR A 458 -25.13 -12.90 14.29
C THR A 458 -25.07 -14.39 13.98
N ILE A 459 -26.08 -14.91 13.28
CA ILE A 459 -26.11 -16.32 12.77
C ILE A 459 -24.97 -16.46 11.75
N GLY A 460 -24.19 -17.54 11.86
CA GLY A 460 -23.05 -17.82 10.97
C GLY A 460 -23.50 -18.24 9.58
N VAL A 461 -22.58 -18.12 8.61
CA VAL A 461 -22.71 -18.65 7.23
C VAL A 461 -21.76 -19.85 7.13
N HIS A 462 -22.31 -21.04 6.99
CA HIS A 462 -21.57 -22.33 7.07
C HIS A 462 -21.49 -22.98 5.69
N PRO A 463 -20.31 -23.50 5.27
CA PRO A 463 -19.04 -23.30 5.97
C PRO A 463 -18.19 -22.20 5.34
N THR A 464 -17.69 -21.29 6.16
CA THR A 464 -16.74 -20.22 5.78
C THR A 464 -15.67 -20.06 6.86
N SER A 465 -14.61 -19.33 6.54
CA SER A 465 -13.58 -18.86 7.50
C SER A 465 -14.16 -17.71 8.33
N ALA A 466 -15.08 -16.92 7.74
CA ALA A 466 -15.64 -15.68 8.32
C ALA A 466 -16.63 -15.98 9.47
N GLU A 467 -17.25 -17.17 9.50
CA GLU A 467 -18.29 -17.50 10.54
C GLU A 467 -17.62 -17.59 11.92
N GLU A 468 -16.29 -17.73 11.95
CA GLU A 468 -15.51 -17.82 13.20
C GLU A 468 -15.51 -16.46 13.91
N LEU A 469 -15.80 -15.38 13.17
CA LEU A 469 -16.00 -14.01 13.73
C LEU A 469 -17.14 -14.02 14.77
N CYS A 470 -18.18 -14.80 14.50
CA CYS A 470 -19.47 -14.81 15.23
C CYS A 470 -19.49 -15.93 16.29
N SER A 471 -18.35 -16.59 16.52
CA SER A 471 -18.20 -17.69 17.52
C SER A 471 -17.08 -17.38 18.51
N MET A 472 -16.85 -16.10 18.83
CA MET A 472 -15.82 -15.68 19.81
C MET A 472 -16.49 -14.93 20.96
N ARG A 473 -16.78 -15.67 22.04
CA ARG A 473 -17.58 -15.25 23.22
C ARG A 473 -16.67 -14.98 24.43
N THR A 474 -15.73 -15.89 24.69
CA THR A 474 -14.83 -15.87 25.88
C THR A 474 -13.51 -15.21 25.49
N PRO A 475 -13.11 -14.12 26.17
CA PRO A 475 -11.79 -13.53 25.98
C PRO A 475 -10.69 -14.57 26.25
N ALA A 476 -9.58 -14.48 25.52
CA ALA A 476 -8.36 -15.29 25.75
C ALA A 476 -7.65 -14.78 27.00
N TYR A 477 -7.54 -13.46 27.12
CA TYR A 477 -6.93 -12.74 28.27
C TYR A 477 -7.33 -11.27 28.20
N PHE A 478 -6.85 -10.45 29.14
CA PHE A 478 -7.20 -9.02 29.24
C PHE A 478 -5.94 -8.17 29.41
N TYR A 479 -6.15 -6.85 29.41
CA TYR A 479 -5.26 -5.83 29.99
C TYR A 479 -6.09 -4.94 30.93
N GLU A 480 -5.71 -4.81 32.21
CA GLU A 480 -6.17 -3.69 33.08
C GLU A 480 -4.97 -2.80 33.42
N SER A 481 -5.10 -1.50 33.15
CA SER A 481 -4.06 -0.45 33.36
C SER A 481 -2.78 -0.84 32.62
N GLY A 482 -2.91 -1.25 31.36
CA GLY A 482 -1.78 -1.43 30.42
C GLY A 482 -0.91 -2.64 30.72
N LYS A 483 -1.33 -3.52 31.65
CA LYS A 483 -0.56 -4.75 31.99
C LYS A 483 -1.42 -5.98 31.70
N ARG A 484 -0.83 -6.98 31.03
CA ARG A 484 -1.48 -8.25 30.63
C ARG A 484 -1.85 -9.04 31.89
N VAL A 485 -3.10 -9.50 32.00
CA VAL A 485 -3.57 -10.38 33.12
C VAL A 485 -4.31 -11.59 32.55
N GLU A 486 -3.98 -12.77 33.09
CA GLU A 486 -4.64 -14.08 32.85
C GLU A 486 -6.16 -13.93 32.93
N LYS A 487 -6.66 -13.22 33.94
CA LYS A 487 -8.10 -13.15 34.32
C LYS A 487 -8.38 -11.78 34.95
N LEU A 488 -9.66 -11.42 35.09
CA LEU A 488 -10.07 -10.03 35.39
C LEU A 488 -10.40 -9.86 36.89
N SER A 489 -9.86 -8.80 37.49
CA SER A 489 -10.06 -8.39 38.90
C SER A 489 -11.56 -8.40 39.25
PA FAD B . -0.13 9.25 -6.39
O1A FAD B . -1.19 8.27 -6.74
O2A FAD B . 1.26 8.74 -6.20
O5B FAD B . -0.12 10.42 -7.49
C5B FAD B . 1.13 11.09 -7.82
C4B FAD B . 1.14 11.39 -9.30
O4B FAD B . 1.69 12.72 -9.49
C3B FAD B . 2.00 10.45 -10.16
O3B FAD B . 1.38 10.17 -11.41
C2B FAD B . 3.31 11.25 -10.34
O2B FAD B . 3.99 10.91 -11.52
C1B FAD B . 2.77 12.67 -10.39
N9A FAD B . 3.74 13.68 -10.00
C8A FAD B . 4.72 13.58 -9.04
N7A FAD B . 5.43 14.68 -8.93
C5A FAD B . 4.87 15.56 -9.85
C6A FAD B . 5.18 16.88 -10.21
N6A FAD B . 6.16 17.60 -9.64
N1A FAD B . 4.43 17.46 -11.16
C2A FAD B . 3.44 16.75 -11.72
N3A FAD B . 3.06 15.49 -11.48
C4A FAD B . 3.83 14.95 -10.51
N1 FAD B . -2.51 1.47 -1.33
C2 FAD B . -3.62 0.74 -1.06
O2 FAD B . -4.62 1.26 -0.55
N3 FAD B . -3.70 -0.58 -1.35
C4 FAD B . -2.65 -1.28 -1.91
O4 FAD B . -2.77 -2.47 -2.14
C4X FAD B . -1.48 -0.54 -2.21
N5 FAD B . -0.47 -1.18 -2.77
C5X FAD B . 0.66 -0.45 -3.05
C6 FAD B . 1.74 -1.11 -3.65
C7 FAD B . 2.90 -0.45 -3.95
C7M FAD B . 4.05 -1.19 -4.59
C8 FAD B . 3.02 0.94 -3.67
C8M FAD B . 4.28 1.70 -3.99
C9 FAD B . 1.95 1.60 -3.08
C9A FAD B . 0.76 0.93 -2.77
N10 FAD B . -0.34 1.57 -2.17
C10 FAD B . -1.49 0.86 -1.88
C1' FAD B . -0.27 3.00 -1.86
C2' FAD B . -0.96 3.86 -2.91
O2' FAD B . -0.38 3.61 -4.19
C3' FAD B . -0.84 5.35 -2.58
O3' FAD B . -1.25 5.57 -1.22
C4' FAD B . -1.67 6.26 -3.49
O4' FAD B . -1.27 6.05 -4.84
C5' FAD B . -1.51 7.71 -3.14
O5' FAD B . -2.25 8.52 -4.09
P FAD B . -1.91 10.08 -4.22
O1P FAD B . -3.01 10.73 -5.01
O2P FAD B . -1.60 10.61 -2.87
O3P FAD B . -0.57 10.06 -5.09
S DMS C . -8.88 1.22 -10.80
O DMS C . -7.63 1.22 -9.96
C1 DMS C . -8.73 2.61 -11.90
C2 DMS C . -8.66 -0.06 -12.01
S DMS D . -14.34 -23.74 5.93
O DMS D . -14.16 -24.02 4.47
C1 DMS D . -13.76 -25.18 6.79
C2 DMS D . -13.02 -22.64 6.38
C1 GOL E . 3.14 9.66 -22.90
O1 GOL E . 3.93 10.56 -22.10
C2 GOL E . 3.96 8.49 -23.39
O2 GOL E . 4.73 7.95 -22.31
C3 GOL E . 3.10 7.39 -24.00
O3 GOL E . 3.79 6.67 -25.02
C1 GOL F . -7.66 -11.64 -1.02
O1 GOL F . -8.96 -11.06 -1.10
C2 GOL F . -7.72 -13.11 -0.71
O2 GOL F . -8.89 -13.68 -1.30
C3 GOL F . -6.49 -13.88 -1.16
O3 GOL F . -6.46 -15.20 -0.65
C1 GOL G . -12.33 31.81 -12.29
O1 GOL G . -11.11 32.55 -12.22
C2 GOL G . -12.75 31.56 -13.73
O2 GOL G . -12.07 32.47 -14.59
C3 GOL G . -12.49 30.13 -14.20
O3 GOL G . -13.60 29.61 -14.92
C1 GOL H . -5.49 -25.31 14.74
O1 GOL H . -4.74 -24.67 13.72
C2 GOL H . -6.16 -26.58 14.25
O2 GOL H . -6.35 -27.48 15.34
C3 GOL H . -7.48 -26.33 13.55
O3 GOL H . -8.40 -27.41 13.72
C1 GOL I . -6.80 -20.18 20.09
O1 GOL I . -5.69 -19.72 19.32
C2 GOL I . -7.54 -21.31 19.37
O2 GOL I . -6.87 -22.55 19.61
C3 GOL I . -8.99 -21.42 19.79
O3 GOL I . -9.86 -21.53 18.67
C1 GOL J . 6.75 3.51 4.19
O1 GOL J . 6.85 4.82 4.74
C2 GOL J . 5.43 3.29 3.51
O2 GOL J . 5.49 2.11 2.71
C3 GOL J . 4.28 3.17 4.49
O3 GOL J . 3.03 2.93 3.82
S SO4 K . -1.83 37.88 -8.83
O1 SO4 K . -2.75 37.53 -9.87
O2 SO4 K . -1.37 39.23 -9.03
O3 SO4 K . -2.47 37.77 -7.55
O4 SO4 K . -0.71 36.98 -8.86
S SO4 L . 11.28 -0.13 10.36
O1 SO4 L . 10.31 -1.13 9.98
O2 SO4 L . 10.62 1.14 10.52
O3 SO4 L . 11.90 -0.51 11.60
O4 SO4 L . 12.28 -0.03 9.33
S SO4 M . 6.82 -2.94 17.13
O1 SO4 M . 5.51 -2.71 16.56
O2 SO4 M . 7.56 -1.70 17.15
O3 SO4 M . 6.67 -3.43 18.47
O4 SO4 M . 7.53 -3.90 16.34
S SO4 N . -7.62 3.41 14.78
O1 SO4 N . -7.50 2.97 13.42
O2 SO4 N . -7.75 4.85 14.80
O3 SO4 N . -8.77 2.82 15.39
O4 SO4 N . -6.44 3.04 15.51
S SO4 O . -15.85 -19.29 23.17
O1 SO4 O . -16.81 -19.20 22.11
O2 SO4 O . -14.94 -18.19 23.08
O3 SO4 O . -15.12 -20.52 23.07
O4 SO4 O . -16.54 -19.25 24.43
OAC MWT P . -14.63 9.26 -9.74
CBC MWT P . -13.73 9.29 -10.60
NAZ MWT P . -12.38 9.62 -10.28
CAQ MWT P . -11.63 9.54 -11.53
CAV MWT P . -12.61 9.16 -12.60
NBK MWT P . -13.94 9.00 -11.98
CAW MWT P . -15.17 8.60 -12.82
CAR MWT P . -15.04 8.83 -14.40
OBA MWT P . -14.83 7.62 -15.15
CBH MWT P . -14.44 7.68 -16.50
CAL MWT P . -15.19 8.53 -17.38
CBF MWT P . -14.91 8.72 -18.77
NBL MWT P . -15.75 9.62 -19.62
CAM MWT P . -16.33 10.88 -19.27
NAY MWT P . -16.21 9.34 -20.96
NBM MWT P . -17.02 10.46 -21.39
CAA MWT P . -17.65 10.51 -22.74
CBG MWT P . -17.11 11.43 -20.31
CAS MWT P . -17.86 12.80 -20.26
CAP MWT P . -18.33 13.27 -18.82
CAO MWT P . -19.46 14.39 -18.75
CAN MWT P . -18.91 15.83 -18.86
NAB MWT P . -18.91 16.36 -20.34
CAI MWT P . -13.81 7.92 -19.24
CAJ MWT P . -13.05 7.06 -18.35
CBI MWT P . -13.31 6.89 -16.95
CBJ MWT P . -12.50 5.94 -16.04
NAX MWT P . -11.73 4.89 -16.37
SBB MWT P . -12.45 6.00 -14.21
CAK MWT P . -11.39 4.62 -14.04
CBE MWT P . -11.08 4.15 -15.30
CAU MWT P . -10.20 2.94 -15.54
CAT MWT P . -11.06 1.61 -15.64
CBD MWT P . -10.60 0.42 -16.50
CAG MWT P . -10.98 -0.90 -16.16
CAE MWT P . -10.57 -2.01 -16.93
CAD MWT P . -9.77 -1.83 -18.07
CAF MWT P . -9.39 -0.53 -18.43
CAH MWT P . -9.79 0.58 -17.65
#